data_2VN0
#
_entry.id   2VN0
#
_cell.length_a   74.200
_cell.length_b   136.090
_cell.length_c   163.240
_cell.angle_alpha   90.00
_cell.angle_beta   90.00
_cell.angle_gamma   90.00
#
_symmetry.space_group_name_H-M   'I 2 2 2'
#
loop_
_entity.id
_entity.type
_entity.pdbx_description
1 polymer 'CYTOCHROME P450 2C8'
2 non-polymer 'PROTOPORPHYRIN IX CONTAINING FE'
3 non-polymer (5R)-5-(4-{[(2R)-6-HYDROXY-2,5,7,8-TETRAMETHYL-3,4-DIHYDRO-2H-CHROMEN-2-YL]METHOXY}BENZYL)-1,3-THIAZOLIDINE-2,4-DIONE
4 non-polymer 'PALMITIC ACID'
5 water water
#
_entity_poly.entity_id   1
_entity_poly.type   'polypeptide(L)'
_entity_poly.pdbx_seq_one_letter_code
;MAKKTSSKGKLPPGPTPLPIIGNMLQIDVKDICKSFTNFSKVYGPVFTVYFGMNPIVVFHGYEAVKEALIDNGEEFSGRG
NSPISQRITKGLGIISSNGKRWKEIRRFSLTTLRNFGMGKRSIEDRVQEEAHCLVEELRKTKASPCDPTFILGCAPCNVI
CSVVFQKRFDYKDQNFLTLMKRFNENFRILNSPWIQVCNNFPLLIDCFPGTHNKVLKNVALTRSYIREKVKEHQASLDVN
NPRDFIDCFLIKMEQEKDNQKSEFNIENLVGTVADLFVAGTETTSTTLRYGLLLLLKHPEVTAKVQEEIDHVIGRHRSPC
MQDRSHMPYTDAVVHEIQRYSDLVPTGVPHAVTTDTKFRNYLIPKGTTIMALLTSVLHDDKEFPNPNIFDPGHFLDKNGN
FKKSDYFMPFSAGKRICAGEGLARMELFLFLTTILQNFNLKSVDDLKNLNTTAVTKGIVSLPPSYQICFIPVHHHH
;
_entity_poly.pdbx_strand_id   A
#
# COMPACT_ATOMS: atom_id res chain seq x y z
N LYS A 10 -6.52 29.48 14.52
CA LYS A 10 -5.37 29.17 15.43
C LYS A 10 -4.88 27.74 15.25
N LEU A 11 -3.94 27.57 14.32
CA LEU A 11 -3.36 26.27 14.04
C LEU A 11 -2.46 25.86 15.19
N PRO A 12 -2.16 24.57 15.30
CA PRO A 12 -1.28 24.11 16.38
C PRO A 12 0.07 24.79 16.21
N PRO A 13 0.90 24.81 17.28
CA PRO A 13 2.24 25.42 17.28
C PRO A 13 3.10 24.89 16.15
N GLY A 14 4.36 25.31 16.09
CA GLY A 14 5.25 24.84 15.05
C GLY A 14 6.40 25.78 14.75
N PRO A 15 7.43 25.33 14.02
CA PRO A 15 8.60 26.12 13.66
C PRO A 15 8.13 27.35 12.92
N THR A 16 8.88 28.46 13.05
CA THR A 16 8.51 29.69 12.36
C THR A 16 8.87 29.57 10.89
N PRO A 17 7.88 29.81 10.02
CA PRO A 17 8.10 29.70 8.58
C PRO A 17 8.77 30.91 7.91
N LEU A 18 9.64 30.62 6.95
CA LEU A 18 10.29 31.67 6.19
C LEU A 18 9.28 32.07 5.13
N PRO A 19 8.88 33.36 5.11
CA PRO A 19 7.93 34.02 4.22
C PRO A 19 7.47 33.38 2.90
N ILE A 20 8.36 32.67 2.21
CA ILE A 20 7.93 32.11 0.94
C ILE A 20 8.01 30.59 0.83
N ILE A 21 9.04 30.02 1.44
CA ILE A 21 9.27 28.59 1.38
C ILE A 21 8.96 27.83 2.66
N GLY A 22 8.16 28.44 3.54
CA GLY A 22 7.80 27.80 4.79
C GLY A 22 8.99 27.27 5.57
N ASN A 23 8.92 26.02 6.01
CA ASN A 23 10.02 25.45 6.77
C ASN A 23 10.78 24.45 5.94
N MET A 24 10.54 24.49 4.64
CA MET A 24 11.20 23.56 3.72
C MET A 24 12.66 23.30 4.04
N LEU A 25 13.46 24.35 4.11
CA LEU A 25 14.88 24.21 4.40
C LEU A 25 15.18 23.82 5.85
N GLN A 26 14.14 23.49 6.60
CA GLN A 26 14.31 23.08 7.98
C GLN A 26 14.01 21.60 8.10
N ILE A 27 13.42 21.04 7.04
CA ILE A 27 13.07 19.63 7.03
C ILE A 27 13.85 18.92 5.92
N ASP A 28 14.45 17.78 6.28
CA ASP A 28 15.22 16.98 5.33
C ASP A 28 14.25 16.19 4.43
N VAL A 29 14.09 16.62 3.18
CA VAL A 29 13.18 15.97 2.23
C VAL A 29 13.55 14.52 1.96
N LYS A 30 14.81 14.18 2.20
CA LYS A 30 15.26 12.81 2.00
C LYS A 30 14.74 11.87 3.09
N ASP A 31 14.27 12.44 4.20
CA ASP A 31 13.75 11.65 5.32
C ASP A 31 12.88 12.56 6.20
N ILE A 32 11.92 13.22 5.56
CA ILE A 32 11.03 14.15 6.25
C ILE A 32 10.36 13.57 7.49
N CYS A 33 10.37 12.25 7.63
CA CYS A 33 9.78 11.66 8.81
C CYS A 33 10.67 11.91 10.03
N LYS A 34 11.98 11.84 9.81
CA LYS A 34 12.94 12.09 10.87
C LYS A 34 12.77 13.54 11.29
N SER A 35 12.53 14.41 10.31
CA SER A 35 12.33 15.82 10.57
C SER A 35 11.12 16.01 11.48
N PHE A 36 10.00 15.38 11.11
CA PHE A 36 8.80 15.47 11.91
C PHE A 36 8.98 14.93 13.34
N THR A 37 9.59 13.76 13.47
CA THR A 37 9.83 13.19 14.79
C THR A 37 10.59 14.20 15.64
N ASN A 38 11.56 14.88 15.03
CA ASN A 38 12.36 15.86 15.75
C ASN A 38 11.55 17.06 16.17
N PHE A 39 10.60 17.46 15.32
CA PHE A 39 9.75 18.61 15.61
C PHE A 39 8.84 18.27 16.78
N SER A 40 8.38 17.02 16.85
CA SER A 40 7.49 16.61 17.91
C SER A 40 8.22 16.70 19.23
N LYS A 41 9.53 16.50 19.20
CA LYS A 41 10.31 16.58 20.41
C LYS A 41 10.32 18.03 20.88
N VAL A 42 10.06 18.97 19.97
CA VAL A 42 10.05 20.37 20.32
C VAL A 42 8.65 20.98 20.49
N TYR A 43 7.70 20.58 19.65
CA TYR A 43 6.35 21.13 19.69
C TYR A 43 5.24 20.22 20.21
N GLY A 44 5.50 18.92 20.36
CA GLY A 44 4.44 18.04 20.85
C GLY A 44 3.70 17.24 19.81
N PRO A 45 2.66 16.50 20.21
CA PRO A 45 1.83 15.65 19.35
C PRO A 45 1.28 16.31 18.09
N VAL A 46 0.78 17.54 18.23
CA VAL A 46 0.21 18.25 17.11
C VAL A 46 1.01 19.48 16.76
N PHE A 47 1.40 19.60 15.49
CA PHE A 47 2.14 20.78 15.09
C PHE A 47 1.96 21.11 13.63
N THR A 48 2.23 22.37 13.31
CA THR A 48 2.07 22.87 11.96
C THR A 48 3.41 23.18 11.36
N VAL A 49 3.57 22.83 10.09
CA VAL A 49 4.80 23.16 9.38
C VAL A 49 4.31 23.60 8.02
N TYR A 50 5.08 24.46 7.36
CA TYR A 50 4.69 24.95 6.05
C TYR A 50 5.61 24.43 4.95
N PHE A 51 5.02 23.80 3.95
CA PHE A 51 5.78 23.35 2.79
C PHE A 51 5.45 24.43 1.81
N GLY A 52 6.36 25.39 1.67
CA GLY A 52 6.10 26.51 0.79
C GLY A 52 5.01 27.29 1.47
N MET A 53 3.97 27.64 0.72
CA MET A 53 2.86 28.39 1.26
C MET A 53 1.86 27.51 2.02
N ASN A 54 1.95 26.21 1.78
CA ASN A 54 1.02 25.23 2.37
C ASN A 54 1.26 24.81 3.81
N PRO A 55 0.25 25.02 4.66
CA PRO A 55 0.35 24.65 6.07
C PRO A 55 -0.02 23.16 6.20
N ILE A 56 0.81 22.40 6.86
CA ILE A 56 0.53 20.99 7.06
C ILE A 56 0.50 20.73 8.56
N VAL A 57 -0.62 20.24 9.07
CA VAL A 57 -0.66 19.96 10.50
C VAL A 57 -0.36 18.47 10.69
N VAL A 58 0.69 18.22 11.46
CA VAL A 58 1.18 16.88 11.72
C VAL A 58 0.79 16.27 13.05
N PHE A 59 0.26 15.06 12.98
CA PHE A 59 -0.13 14.34 14.17
C PHE A 59 0.89 13.23 14.40
N HIS A 60 1.45 13.22 15.60
CA HIS A 60 2.47 12.26 15.96
C HIS A 60 2.13 11.51 17.25
N GLY A 61 2.17 10.18 17.17
CA GLY A 61 1.86 9.36 18.32
C GLY A 61 0.43 8.82 18.30
N TYR A 62 0.24 7.65 18.88
CA TYR A 62 -1.07 7.01 18.94
C TYR A 62 -2.22 7.89 19.44
N GLU A 63 -2.04 8.56 20.57
CA GLU A 63 -3.10 9.40 21.11
C GLU A 63 -3.59 10.36 20.02
N ALA A 64 -2.66 11.12 19.47
CA ALA A 64 -2.99 12.10 18.44
C ALA A 64 -3.51 11.55 17.13
N VAL A 65 -2.85 10.53 16.59
CA VAL A 65 -3.27 9.95 15.32
C VAL A 65 -4.66 9.37 15.41
N LYS A 66 -4.93 8.70 16.51
CA LYS A 66 -6.23 8.09 16.73
C LYS A 66 -7.29 9.15 16.90
N GLU A 67 -7.03 10.08 17.81
CA GLU A 67 -8.00 11.14 18.05
C GLU A 67 -8.41 11.80 16.75
N ALA A 68 -7.43 12.03 15.87
CA ALA A 68 -7.70 12.66 14.60
C ALA A 68 -8.37 11.72 13.60
N LEU A 69 -7.67 10.67 13.22
CA LEU A 69 -8.18 9.74 12.23
C LEU A 69 -9.46 9.01 12.63
N ILE A 70 -9.55 8.62 13.88
CA ILE A 70 -10.71 7.88 14.33
C ILE A 70 -11.81 8.70 15.03
N ASP A 71 -11.50 9.24 16.20
CA ASP A 71 -12.49 10.01 16.93
C ASP A 71 -13.10 11.16 16.15
N ASN A 72 -12.36 11.70 15.19
CA ASN A 72 -12.84 12.81 14.37
C ASN A 72 -12.76 12.40 12.91
N GLY A 73 -12.96 11.11 12.68
CA GLY A 73 -12.88 10.54 11.35
C GLY A 73 -13.51 11.29 10.20
N GLU A 74 -14.77 11.69 10.35
CA GLU A 74 -15.46 12.40 9.27
C GLU A 74 -14.70 13.66 8.84
N GLU A 75 -14.32 14.48 9.81
CA GLU A 75 -13.59 15.71 9.53
C GLU A 75 -12.23 15.44 8.90
N PHE A 76 -11.60 14.31 9.26
CA PHE A 76 -10.27 13.98 8.72
C PHE A 76 -10.28 12.97 7.58
N SER A 77 -11.44 12.69 7.01
CA SER A 77 -11.53 11.72 5.92
C SER A 77 -11.32 12.31 4.53
N GLY A 78 -10.82 13.53 4.46
CA GLY A 78 -10.60 14.15 3.17
C GLY A 78 -9.24 13.78 2.64
N ARG A 79 -9.11 13.66 1.32
CA ARG A 79 -7.84 13.33 0.71
C ARG A 79 -7.02 14.59 0.49
N GLY A 80 -5.79 14.58 1.01
CA GLY A 80 -4.91 15.73 0.86
C GLY A 80 -4.63 15.94 -0.61
N ASN A 81 -5.15 17.05 -1.13
CA ASN A 81 -4.99 17.43 -2.53
C ASN A 81 -3.53 17.71 -2.89
N SER A 82 -3.23 17.58 -4.19
CA SER A 82 -1.90 17.84 -4.72
C SER A 82 -2.00 18.03 -6.24
N PRO A 83 -1.36 19.09 -6.77
CA PRO A 83 -1.38 19.39 -8.20
C PRO A 83 -1.12 18.16 -9.08
N ILE A 84 -0.06 17.42 -8.75
CA ILE A 84 0.30 16.24 -9.53
C ILE A 84 -0.74 15.13 -9.51
N SER A 85 -1.42 14.94 -8.39
CA SER A 85 -2.45 13.91 -8.29
C SER A 85 -3.63 14.34 -9.15
N GLN A 86 -4.03 15.59 -8.98
CA GLN A 86 -5.15 16.13 -9.72
C GLN A 86 -4.94 16.12 -11.23
N ARG A 87 -3.73 16.42 -11.68
CA ARG A 87 -3.49 16.42 -13.12
C ARG A 87 -3.61 15.02 -13.71
N ILE A 88 -3.21 14.01 -12.93
CA ILE A 88 -3.29 12.63 -13.40
C ILE A 88 -4.63 11.93 -13.21
N THR A 89 -5.19 12.02 -12.01
CA THR A 89 -6.46 11.35 -11.70
C THR A 89 -7.69 12.20 -12.02
N LYS A 90 -7.52 13.51 -11.93
CA LYS A 90 -8.59 14.46 -12.22
C LYS A 90 -9.75 14.35 -11.24
N GLY A 91 -9.43 13.94 -10.01
CA GLY A 91 -10.43 13.81 -8.97
C GLY A 91 -11.29 12.57 -9.15
N LEU A 92 -10.97 11.81 -10.19
CA LEU A 92 -11.69 10.60 -10.53
C LEU A 92 -11.23 9.43 -9.67
N GLY A 93 -12.01 8.35 -9.70
CA GLY A 93 -11.66 7.16 -8.95
C GLY A 93 -11.87 7.24 -7.44
N ILE A 94 -11.02 6.53 -6.72
CA ILE A 94 -11.13 6.46 -5.27
C ILE A 94 -10.00 7.11 -4.47
N ILE A 95 -8.76 6.88 -4.88
CA ILE A 95 -7.62 7.44 -4.15
C ILE A 95 -7.63 8.97 -4.04
N SER A 96 -7.82 9.64 -5.17
CA SER A 96 -7.79 11.10 -5.17
C SER A 96 -9.13 11.80 -5.24
N SER A 97 -10.21 11.12 -4.87
CA SER A 97 -11.52 11.76 -4.93
C SER A 97 -11.93 12.21 -3.55
N ASN A 98 -13.04 12.94 -3.45
CA ASN A 98 -13.53 13.41 -2.16
C ASN A 98 -15.02 13.51 -2.19
N GLY A 99 -15.59 13.86 -1.04
CA GLY A 99 -17.03 14.02 -0.94
C GLY A 99 -17.82 12.89 -1.55
N LYS A 100 -19.08 13.18 -1.85
CA LYS A 100 -19.98 12.18 -2.43
C LYS A 100 -19.33 11.17 -3.38
N ARG A 101 -18.70 11.65 -4.45
CA ARG A 101 -18.07 10.71 -5.39
C ARG A 101 -17.16 9.71 -4.68
N TRP A 102 -16.40 10.18 -3.70
CA TRP A 102 -15.53 9.31 -2.96
C TRP A 102 -16.40 8.31 -2.22
N LYS A 103 -17.23 8.82 -1.31
CA LYS A 103 -18.11 7.99 -0.52
C LYS A 103 -18.77 6.88 -1.34
N GLU A 104 -19.25 7.23 -2.53
CA GLU A 104 -19.91 6.23 -3.35
C GLU A 104 -19.00 5.21 -4.00
N ILE A 105 -17.89 5.65 -4.58
CA ILE A 105 -16.95 4.74 -5.22
C ILE A 105 -16.29 3.76 -4.26
N ARG A 106 -15.87 4.27 -3.11
CA ARG A 106 -15.22 3.43 -2.11
C ARG A 106 -16.21 2.38 -1.61
N ARG A 107 -17.43 2.82 -1.34
CA ARG A 107 -18.48 1.94 -0.84
C ARG A 107 -18.72 0.81 -1.82
N PHE A 108 -18.75 1.14 -3.11
CA PHE A 108 -18.95 0.11 -4.12
C PHE A 108 -17.72 -0.79 -4.20
N SER A 109 -16.55 -0.17 -4.19
CA SER A 109 -15.28 -0.90 -4.28
C SER A 109 -15.10 -1.86 -3.13
N LEU A 110 -15.33 -1.39 -1.91
CA LEU A 110 -15.20 -2.24 -0.74
C LEU A 110 -16.05 -3.53 -0.84
N THR A 111 -17.29 -3.40 -1.32
CA THR A 111 -18.11 -4.59 -1.42
C THR A 111 -17.77 -5.51 -2.55
N THR A 112 -17.33 -4.97 -3.68
CA THR A 112 -17.04 -5.86 -4.79
C THR A 112 -15.66 -6.46 -4.63
N LEU A 113 -14.97 -6.06 -3.56
CA LEU A 113 -13.65 -6.60 -3.26
C LEU A 113 -13.67 -7.48 -2.01
N ARG A 114 -14.87 -7.91 -1.62
CA ARG A 114 -15.03 -8.83 -0.49
C ARG A 114 -14.58 -10.17 -1.09
N ASN A 115 -14.30 -11.16 -0.26
CA ASN A 115 -13.82 -12.43 -0.82
C ASN A 115 -14.69 -12.99 -1.95
N PHE A 116 -16.01 -12.85 -1.84
CA PHE A 116 -16.93 -13.35 -2.85
C PHE A 116 -17.77 -12.25 -3.49
N GLY A 117 -17.28 -11.01 -3.43
CA GLY A 117 -18.00 -9.88 -3.97
C GLY A 117 -18.03 -9.68 -5.47
N MET A 118 -17.52 -10.63 -6.25
CA MET A 118 -17.54 -10.45 -7.69
C MET A 118 -17.67 -11.76 -8.47
N GLY A 119 -18.74 -12.51 -8.22
CA GLY A 119 -18.92 -13.76 -8.93
C GLY A 119 -18.70 -15.02 -8.13
N LYS A 120 -18.71 -16.16 -8.83
CA LYS A 120 -18.54 -17.46 -8.22
C LYS A 120 -17.10 -17.75 -7.82
N ARG A 121 -16.16 -17.03 -8.43
CA ARG A 121 -14.75 -17.24 -8.11
C ARG A 121 -14.27 -16.25 -7.05
N SER A 122 -13.93 -16.76 -5.87
CA SER A 122 -13.49 -15.89 -4.78
C SER A 122 -12.15 -15.25 -5.12
N ILE A 123 -11.89 -14.11 -4.49
CA ILE A 123 -10.62 -13.42 -4.72
C ILE A 123 -9.49 -14.33 -4.24
N GLU A 124 -9.73 -15.03 -3.13
CA GLU A 124 -8.76 -15.93 -2.54
C GLU A 124 -8.25 -16.94 -3.55
N ASP A 125 -9.15 -17.42 -4.39
CA ASP A 125 -8.75 -18.41 -5.37
C ASP A 125 -7.83 -17.79 -6.44
N ARG A 126 -7.99 -16.50 -6.71
CA ARG A 126 -7.16 -15.82 -7.70
C ARG A 126 -5.75 -15.68 -7.12
N VAL A 127 -5.70 -15.40 -5.83
CA VAL A 127 -4.45 -15.24 -5.12
C VAL A 127 -3.71 -16.58 -5.05
N GLN A 128 -4.46 -17.65 -4.80
CA GLN A 128 -3.84 -18.95 -4.71
C GLN A 128 -3.29 -19.38 -6.06
N GLU A 129 -4.04 -19.14 -7.14
CA GLU A 129 -3.55 -19.51 -8.46
C GLU A 129 -2.23 -18.77 -8.66
N GLU A 130 -2.20 -17.51 -8.25
CA GLU A 130 -1.01 -16.69 -8.41
C GLU A 130 0.15 -17.12 -7.50
N ALA A 131 -0.17 -17.48 -6.25
CA ALA A 131 0.88 -17.89 -5.31
C ALA A 131 1.55 -19.11 -5.92
N HIS A 132 0.77 -19.87 -6.67
CA HIS A 132 1.27 -21.07 -7.31
C HIS A 132 2.19 -20.74 -8.46
N CYS A 133 1.73 -19.88 -9.36
CA CYS A 133 2.54 -19.48 -10.50
C CYS A 133 3.83 -18.84 -10.02
N LEU A 134 3.76 -18.18 -8.87
CA LEU A 134 4.92 -17.51 -8.29
C LEU A 134 6.02 -18.52 -7.93
N VAL A 135 5.67 -19.59 -7.22
CA VAL A 135 6.68 -20.56 -6.86
C VAL A 135 7.19 -21.28 -8.10
N GLU A 136 6.35 -21.47 -9.10
CA GLU A 136 6.84 -22.14 -10.28
C GLU A 136 7.85 -21.24 -11.00
N GLU A 137 7.77 -19.93 -10.76
CA GLU A 137 8.75 -19.03 -11.37
C GLU A 137 10.05 -19.07 -10.58
N LEU A 138 9.91 -18.93 -9.25
CA LEU A 138 11.06 -18.97 -8.36
C LEU A 138 11.77 -20.30 -8.61
N ARG A 139 10.96 -21.32 -8.87
CA ARG A 139 11.45 -22.67 -9.15
C ARG A 139 12.41 -22.61 -10.33
N LYS A 140 12.09 -21.78 -11.31
CA LYS A 140 12.92 -21.65 -12.50
C LYS A 140 14.29 -21.02 -12.26
N THR A 141 14.45 -20.23 -11.20
CA THR A 141 15.75 -19.62 -10.94
C THR A 141 16.76 -20.68 -10.51
N LYS A 142 16.32 -21.93 -10.55
CA LYS A 142 17.20 -23.05 -10.21
C LYS A 142 18.07 -22.81 -8.98
N ALA A 143 17.47 -22.33 -7.89
CA ALA A 143 18.21 -22.11 -6.66
C ALA A 143 19.40 -21.17 -6.78
N SER A 144 19.61 -20.57 -7.94
CA SER A 144 20.73 -19.66 -8.09
C SER A 144 20.40 -18.32 -7.43
N PRO A 145 21.42 -17.53 -7.09
CA PRO A 145 21.15 -16.24 -6.47
C PRO A 145 20.46 -15.32 -7.47
N CYS A 146 19.54 -14.48 -6.99
CA CYS A 146 18.82 -13.55 -7.84
C CYS A 146 18.25 -12.41 -7.01
N ASP A 147 17.84 -11.35 -7.70
CA ASP A 147 17.23 -10.20 -7.06
C ASP A 147 15.74 -10.49 -7.26
N PRO A 148 15.03 -10.79 -6.17
CA PRO A 148 13.60 -11.09 -6.24
C PRO A 148 12.71 -9.94 -6.68
N THR A 149 13.23 -8.73 -6.62
CA THR A 149 12.44 -7.55 -6.98
C THR A 149 11.41 -7.76 -8.10
N PHE A 150 11.87 -7.93 -9.33
CA PHE A 150 10.97 -8.10 -10.46
C PHE A 150 9.95 -9.24 -10.33
N ILE A 151 10.44 -10.45 -10.10
CA ILE A 151 9.58 -11.64 -9.97
C ILE A 151 8.54 -11.50 -8.87
N LEU A 152 8.96 -10.93 -7.75
CA LEU A 152 8.10 -10.73 -6.60
C LEU A 152 7.04 -9.67 -6.92
N GLY A 153 7.41 -8.70 -7.75
CA GLY A 153 6.50 -7.65 -8.14
C GLY A 153 5.42 -8.09 -9.12
N CYS A 154 5.69 -9.15 -9.86
CA CYS A 154 4.72 -9.66 -10.83
C CYS A 154 3.47 -10.21 -10.14
N ALA A 155 3.65 -10.99 -9.08
CA ALA A 155 2.53 -11.58 -8.38
C ALA A 155 1.43 -10.57 -8.03
N PRO A 156 1.76 -9.55 -7.22
CA PRO A 156 0.78 -8.53 -6.84
C PRO A 156 0.11 -7.85 -8.04
N CYS A 157 0.89 -7.67 -9.09
CA CYS A 157 0.38 -7.01 -10.28
C CYS A 157 -0.65 -7.90 -10.93
N ASN A 158 -0.33 -9.19 -11.01
CA ASN A 158 -1.24 -10.15 -11.59
C ASN A 158 -2.49 -10.35 -10.75
N VAL A 159 -2.35 -10.33 -9.43
CA VAL A 159 -3.52 -10.46 -8.58
C VAL A 159 -4.51 -9.39 -8.99
N ILE A 160 -4.05 -8.15 -9.01
CA ILE A 160 -4.91 -7.03 -9.40
C ILE A 160 -5.45 -7.29 -10.79
N CYS A 161 -4.61 -7.79 -11.69
CA CYS A 161 -5.10 -8.09 -13.03
C CYS A 161 -6.25 -9.09 -12.99
N SER A 162 -6.08 -10.19 -12.27
CA SER A 162 -7.11 -11.20 -12.20
C SER A 162 -8.30 -10.77 -11.34
N VAL A 163 -8.16 -9.64 -10.64
CA VAL A 163 -9.25 -9.14 -9.83
C VAL A 163 -10.11 -8.18 -10.66
N VAL A 164 -9.48 -7.47 -11.59
CA VAL A 164 -10.22 -6.54 -12.43
C VAL A 164 -10.44 -6.99 -13.88
N PHE A 165 -9.52 -7.77 -14.43
CA PHE A 165 -9.65 -8.19 -15.83
C PHE A 165 -10.15 -9.58 -16.17
N GLN A 166 -10.33 -10.45 -15.17
CA GLN A 166 -10.80 -11.84 -15.39
C GLN A 166 -9.76 -12.83 -14.92
N LYS A 167 -8.91 -13.20 -15.87
CA LYS A 167 -7.85 -14.15 -15.63
C LYS A 167 -6.51 -13.41 -15.57
N ARG A 168 -5.54 -14.06 -14.93
CA ARG A 168 -4.20 -13.51 -14.79
C ARG A 168 -3.48 -13.57 -16.13
N PHE A 169 -2.37 -12.84 -16.24
CA PHE A 169 -1.57 -12.86 -17.45
C PHE A 169 -0.46 -13.87 -17.25
N ASP A 170 0.10 -14.36 -18.35
CA ASP A 170 1.20 -15.29 -18.25
C ASP A 170 2.39 -14.37 -18.02
N TYR A 171 3.23 -14.70 -17.05
CA TYR A 171 4.40 -13.87 -16.77
C TYR A 171 5.21 -13.45 -18.00
N LYS A 172 5.18 -14.27 -19.05
CA LYS A 172 5.94 -13.95 -20.27
C LYS A 172 5.13 -13.08 -21.23
N ASP A 173 3.81 -13.03 -21.02
CA ASP A 173 2.92 -12.23 -21.85
C ASP A 173 3.53 -10.84 -22.00
N GLN A 174 3.64 -10.36 -23.24
CA GLN A 174 4.21 -9.04 -23.48
C GLN A 174 3.35 -7.91 -22.92
N ASN A 175 2.04 -8.03 -23.09
CA ASN A 175 1.11 -7.01 -22.60
C ASN A 175 1.22 -6.79 -21.09
N PHE A 176 1.47 -7.88 -20.37
CA PHE A 176 1.60 -7.83 -18.93
C PHE A 176 2.89 -7.14 -18.50
N LEU A 177 3.95 -7.37 -19.24
CA LEU A 177 5.25 -6.80 -18.92
C LEU A 177 5.37 -5.29 -19.15
N THR A 178 4.77 -4.76 -20.20
CA THR A 178 4.87 -3.32 -20.41
C THR A 178 3.85 -2.65 -19.50
N LEU A 179 2.71 -3.30 -19.30
CA LEU A 179 1.69 -2.71 -18.44
C LEU A 179 2.25 -2.64 -17.03
N MET A 180 3.26 -3.45 -16.75
CA MET A 180 3.86 -3.46 -15.43
C MET A 180 5.09 -2.56 -15.33
N LYS A 181 5.96 -2.62 -16.34
CA LYS A 181 7.16 -1.80 -16.31
C LYS A 181 6.79 -0.32 -16.26
N ARG A 182 5.58 0.00 -16.72
CA ARG A 182 5.12 1.38 -16.71
C ARG A 182 4.69 1.84 -15.34
N PHE A 183 4.02 0.97 -14.59
CA PHE A 183 3.62 1.34 -13.26
C PHE A 183 4.87 1.40 -12.41
N ASN A 184 5.77 0.45 -12.63
CA ASN A 184 7.02 0.40 -11.90
C ASN A 184 7.83 1.64 -12.18
N GLU A 185 7.65 2.19 -13.38
CA GLU A 185 8.37 3.38 -13.82
C GLU A 185 7.75 4.63 -13.19
N ASN A 186 6.44 4.78 -13.33
CA ASN A 186 5.77 5.92 -12.73
C ASN A 186 5.95 5.88 -11.23
N PHE A 187 6.16 4.68 -10.68
CA PHE A 187 6.37 4.55 -9.24
C PHE A 187 7.75 5.03 -8.83
N ARG A 188 8.78 4.58 -9.52
CA ARG A 188 10.13 4.99 -9.17
C ARG A 188 10.33 6.50 -9.36
N ILE A 189 9.54 7.11 -10.23
CA ILE A 189 9.65 8.55 -10.46
C ILE A 189 8.84 9.32 -9.42
N LEU A 190 7.56 8.97 -9.31
CA LEU A 190 6.68 9.65 -8.36
C LEU A 190 7.00 9.41 -6.88
N ASN A 191 7.94 8.52 -6.60
CA ASN A 191 8.27 8.28 -5.20
C ASN A 191 9.56 9.00 -4.85
N SER A 192 9.90 9.99 -5.67
CA SER A 192 11.12 10.73 -5.41
C SER A 192 10.83 11.92 -4.49
N PRO A 193 11.80 12.26 -3.63
CA PRO A 193 11.62 13.40 -2.72
C PRO A 193 11.21 14.66 -3.52
N TRP A 194 11.70 14.74 -4.77
CA TRP A 194 11.40 15.85 -5.66
C TRP A 194 9.91 16.10 -5.90
N ILE A 195 9.10 15.04 -5.89
CA ILE A 195 7.67 15.24 -6.13
C ILE A 195 7.05 15.95 -4.96
N GLN A 196 7.59 15.73 -3.77
CA GLN A 196 7.07 16.38 -2.59
C GLN A 196 7.36 17.86 -2.72
N VAL A 197 8.56 18.18 -3.21
CA VAL A 197 8.94 19.57 -3.41
C VAL A 197 8.08 20.18 -4.50
N CYS A 198 8.02 19.51 -5.65
CA CYS A 198 7.22 19.99 -6.78
C CYS A 198 5.74 20.16 -6.49
N ASN A 199 5.22 19.39 -5.55
CA ASN A 199 3.80 19.51 -5.24
C ASN A 199 3.47 20.79 -4.51
N ASN A 200 4.43 21.36 -3.81
CA ASN A 200 4.21 22.59 -3.08
C ASN A 200 4.69 23.80 -3.87
N PHE A 201 5.67 23.57 -4.75
CA PHE A 201 6.20 24.62 -5.60
C PHE A 201 6.00 24.12 -7.04
N PRO A 202 4.74 24.09 -7.50
CA PRO A 202 4.33 23.64 -8.85
C PRO A 202 5.19 24.11 -10.01
N LEU A 203 5.65 25.36 -9.96
CA LEU A 203 6.49 25.90 -11.02
C LEU A 203 7.65 24.95 -11.34
N LEU A 204 8.19 24.30 -10.30
CA LEU A 204 9.30 23.38 -10.50
C LEU A 204 9.04 22.26 -11.48
N ILE A 205 7.77 21.90 -11.69
CA ILE A 205 7.47 20.84 -12.63
C ILE A 205 8.05 21.21 -14.01
N ASP A 206 8.03 22.51 -14.35
CA ASP A 206 8.57 22.96 -15.62
C ASP A 206 10.05 22.62 -15.75
N CYS A 207 10.73 22.48 -14.63
CA CYS A 207 12.15 22.13 -14.64
C CYS A 207 12.35 20.65 -14.95
N PHE A 208 11.25 19.91 -15.16
CA PHE A 208 11.31 18.49 -15.45
C PHE A 208 10.36 18.07 -16.57
N PRO A 209 10.60 18.59 -17.78
CA PRO A 209 9.81 18.30 -18.97
C PRO A 209 9.80 16.82 -19.36
N GLY A 210 10.99 16.24 -19.46
CA GLY A 210 11.09 14.85 -19.85
C GLY A 210 10.33 13.93 -18.92
N THR A 211 10.69 14.00 -17.64
CA THR A 211 10.06 13.21 -16.61
C THR A 211 8.55 13.44 -16.66
N HIS A 212 8.15 14.70 -16.80
CA HIS A 212 6.74 15.05 -16.87
C HIS A 212 6.06 14.25 -18.00
N ASN A 213 6.59 14.41 -19.22
CA ASN A 213 6.07 13.71 -20.38
C ASN A 213 6.05 12.20 -20.18
N LYS A 214 7.14 11.67 -19.62
CA LYS A 214 7.25 10.24 -19.38
C LYS A 214 6.06 9.74 -18.55
N VAL A 215 5.75 10.43 -17.46
CA VAL A 215 4.64 10.04 -16.60
C VAL A 215 3.31 10.03 -17.35
N LEU A 216 2.88 11.20 -17.80
CA LEU A 216 1.63 11.34 -18.54
C LEU A 216 1.54 10.36 -19.72
N LYS A 217 2.69 10.09 -20.32
CA LYS A 217 2.75 9.15 -21.44
C LYS A 217 2.29 7.79 -20.92
N ASN A 218 2.90 7.34 -19.82
CA ASN A 218 2.56 6.07 -19.21
C ASN A 218 1.12 6.03 -18.69
N VAL A 219 0.64 7.15 -18.17
CA VAL A 219 -0.73 7.20 -17.68
C VAL A 219 -1.68 7.09 -18.86
N ALA A 220 -1.22 7.56 -20.01
CA ALA A 220 -2.01 7.50 -21.23
C ALA A 220 -2.15 6.03 -21.67
N LEU A 221 -1.01 5.39 -21.91
CA LEU A 221 -0.99 4.00 -22.34
C LEU A 221 -1.75 3.05 -21.42
N THR A 222 -1.62 3.22 -20.11
CA THR A 222 -2.31 2.36 -19.17
C THR A 222 -3.82 2.58 -19.27
N ARG A 223 -4.27 3.82 -19.09
CA ARG A 223 -5.69 4.14 -19.17
C ARG A 223 -6.34 3.63 -20.46
N SER A 224 -5.75 3.97 -21.61
CA SER A 224 -6.31 3.55 -22.88
C SER A 224 -6.38 2.02 -22.95
N TYR A 225 -5.42 1.34 -22.33
CA TYR A 225 -5.43 -0.12 -22.34
C TYR A 225 -6.57 -0.63 -21.49
N ILE A 226 -6.75 -0.02 -20.32
CA ILE A 226 -7.83 -0.42 -19.43
C ILE A 226 -9.12 -0.18 -20.18
N ARG A 227 -9.20 0.91 -20.93
CA ARG A 227 -10.42 1.19 -21.66
C ARG A 227 -10.70 0.15 -22.75
N GLU A 228 -9.63 -0.38 -23.34
CA GLU A 228 -9.82 -1.40 -24.37
C GLU A 228 -10.51 -2.57 -23.66
N LYS A 229 -9.96 -2.95 -22.51
CA LYS A 229 -10.48 -4.05 -21.70
C LYS A 229 -11.93 -3.90 -21.28
N VAL A 230 -12.32 -2.68 -20.91
CA VAL A 230 -13.69 -2.41 -20.46
C VAL A 230 -14.69 -2.60 -21.60
N LYS A 231 -14.25 -2.37 -22.83
CA LYS A 231 -15.13 -2.55 -23.96
C LYS A 231 -15.28 -4.07 -24.12
N GLU A 232 -14.17 -4.77 -23.96
CA GLU A 232 -14.17 -6.23 -24.06
C GLU A 232 -15.17 -6.75 -23.03
N HIS A 233 -15.05 -6.26 -21.80
CA HIS A 233 -15.94 -6.69 -20.75
C HIS A 233 -17.40 -6.30 -21.01
N GLN A 234 -17.62 -5.27 -21.81
CA GLN A 234 -18.99 -4.83 -22.10
C GLN A 234 -19.66 -5.74 -23.12
N ALA A 235 -18.92 -6.11 -24.15
CA ALA A 235 -19.45 -6.97 -25.20
C ALA A 235 -19.85 -8.35 -24.65
N SER A 236 -19.11 -8.85 -23.67
CA SER A 236 -19.35 -10.16 -23.09
C SER A 236 -20.05 -10.13 -21.74
N LEU A 237 -20.64 -9.00 -21.39
CA LEU A 237 -21.28 -8.89 -20.09
C LEU A 237 -22.48 -9.78 -19.77
N ASP A 238 -22.25 -10.79 -18.93
CA ASP A 238 -23.33 -11.66 -18.50
C ASP A 238 -23.69 -11.15 -17.12
N VAL A 239 -24.74 -10.36 -17.05
CA VAL A 239 -25.18 -9.78 -15.79
C VAL A 239 -25.45 -10.76 -14.63
N ASN A 240 -25.91 -11.97 -14.94
CA ASN A 240 -26.21 -12.92 -13.87
C ASN A 240 -25.05 -13.47 -13.08
N ASN A 241 -23.85 -13.39 -13.65
CA ASN A 241 -22.67 -13.86 -12.94
C ASN A 241 -21.42 -13.10 -13.38
N PRO A 242 -21.04 -12.11 -12.56
CA PRO A 242 -19.87 -11.25 -12.79
C PRO A 242 -18.58 -12.04 -12.73
N ARG A 243 -17.64 -11.70 -13.60
CA ARG A 243 -16.34 -12.36 -13.65
C ARG A 243 -15.32 -11.61 -12.80
N ASP A 244 -15.42 -10.29 -12.81
CA ASP A 244 -14.47 -9.43 -12.10
C ASP A 244 -15.00 -8.06 -11.71
N PHE A 245 -14.06 -7.20 -11.30
CA PHE A 245 -14.35 -5.83 -10.88
C PHE A 245 -15.03 -5.04 -11.99
N ILE A 246 -14.59 -5.24 -13.23
CA ILE A 246 -15.17 -4.52 -14.35
C ILE A 246 -16.62 -4.96 -14.59
N ASP A 247 -16.88 -6.27 -14.55
CA ASP A 247 -18.25 -6.72 -14.73
C ASP A 247 -19.14 -6.08 -13.66
N CYS A 248 -18.72 -6.16 -12.40
CA CYS A 248 -19.51 -5.60 -11.32
C CYS A 248 -19.81 -4.11 -11.51
N PHE A 249 -18.79 -3.35 -11.90
CA PHE A 249 -18.96 -1.92 -12.09
C PHE A 249 -19.89 -1.65 -13.27
N LEU A 250 -19.77 -2.46 -14.33
CA LEU A 250 -20.63 -2.29 -15.49
C LEU A 250 -22.07 -2.56 -15.08
N ILE A 251 -22.28 -3.63 -14.33
CA ILE A 251 -23.60 -4.00 -13.84
C ILE A 251 -24.21 -2.83 -13.06
N LYS A 252 -23.40 -2.24 -12.18
CA LYS A 252 -23.82 -1.11 -11.35
C LYS A 252 -24.19 0.08 -12.23
N MET A 253 -23.40 0.33 -13.26
CA MET A 253 -23.69 1.43 -14.17
C MET A 253 -25.08 1.25 -14.74
N GLU A 254 -25.31 0.09 -15.36
CA GLU A 254 -26.59 -0.27 -15.94
C GLU A 254 -27.76 0.12 -15.04
N GLN A 255 -27.61 -0.10 -13.73
CA GLN A 255 -28.66 0.23 -12.78
C GLN A 255 -28.85 1.76 -12.67
N GLU A 256 -27.79 2.47 -12.35
CA GLU A 256 -27.83 3.93 -12.22
C GLU A 256 -28.00 4.63 -13.58
N LYS A 257 -28.12 3.84 -14.64
CA LYS A 257 -28.28 4.34 -16.00
C LYS A 257 -29.16 5.58 -16.19
N ASP A 258 -30.34 5.58 -15.58
CA ASP A 258 -31.27 6.71 -15.70
C ASP A 258 -30.79 7.95 -14.99
N ASN A 259 -29.86 7.77 -14.06
CA ASN A 259 -29.30 8.87 -13.28
C ASN A 259 -28.03 9.45 -13.93
N GLN A 260 -28.04 10.74 -14.27
CA GLN A 260 -26.85 11.35 -14.89
C GLN A 260 -25.99 12.03 -13.85
N LYS A 261 -26.38 11.82 -12.60
CA LYS A 261 -25.66 12.34 -11.47
C LYS A 261 -24.70 11.23 -11.06
N SER A 262 -25.20 9.99 -11.18
CA SER A 262 -24.47 8.79 -10.82
C SER A 262 -23.00 8.87 -11.12
N GLU A 263 -22.20 8.54 -10.10
CA GLU A 263 -20.76 8.53 -10.27
C GLU A 263 -20.31 7.34 -11.10
N PHE A 264 -21.12 6.29 -11.11
CA PHE A 264 -20.77 5.10 -11.86
C PHE A 264 -20.93 5.26 -13.35
N ASN A 265 -19.84 5.70 -13.98
CA ASN A 265 -19.76 5.92 -15.42
C ASN A 265 -18.39 5.40 -15.87
N ILE A 266 -18.17 5.32 -17.17
CA ILE A 266 -16.91 4.80 -17.68
C ILE A 266 -15.69 5.60 -17.22
N GLU A 267 -15.92 6.84 -16.79
CA GLU A 267 -14.82 7.67 -16.34
C GLU A 267 -14.25 7.18 -15.01
N ASN A 268 -15.08 7.18 -13.97
CA ASN A 268 -14.64 6.70 -12.66
C ASN A 268 -14.17 5.24 -12.73
N LEU A 269 -14.71 4.48 -13.67
CA LEU A 269 -14.33 3.09 -13.79
C LEU A 269 -12.85 3.01 -14.13
N VAL A 270 -12.47 3.57 -15.27
CA VAL A 270 -11.08 3.56 -15.69
C VAL A 270 -10.16 4.07 -14.59
N GLY A 271 -10.59 5.10 -13.88
CA GLY A 271 -9.76 5.64 -12.82
C GLY A 271 -9.63 4.69 -11.64
N THR A 272 -10.76 4.10 -11.23
CA THR A 272 -10.76 3.19 -10.11
C THR A 272 -9.94 1.93 -10.36
N VAL A 273 -9.91 1.46 -11.60
CA VAL A 273 -9.13 0.27 -11.93
C VAL A 273 -7.67 0.68 -11.83
N ALA A 274 -7.38 1.86 -12.37
CA ALA A 274 -6.02 2.40 -12.34
C ALA A 274 -5.63 2.60 -10.88
N ASP A 275 -6.52 3.20 -10.11
CA ASP A 275 -6.23 3.40 -8.69
C ASP A 275 -5.90 2.05 -8.06
N LEU A 276 -6.68 1.01 -8.39
CA LEU A 276 -6.42 -0.29 -7.81
C LEU A 276 -5.01 -0.78 -8.12
N PHE A 277 -4.56 -0.62 -9.37
CA PHE A 277 -3.20 -1.04 -9.71
C PHE A 277 -2.17 -0.26 -8.90
N VAL A 278 -2.35 1.06 -8.86
CA VAL A 278 -1.46 1.96 -8.13
C VAL A 278 -1.43 1.62 -6.65
N ALA A 279 -2.61 1.60 -6.05
CA ALA A 279 -2.72 1.35 -4.64
C ALA A 279 -2.34 -0.07 -4.19
N GLY A 280 -2.40 -1.05 -5.09
CA GLY A 280 -2.11 -2.41 -4.67
C GLY A 280 -0.92 -3.18 -5.21
N THR A 281 -0.23 -2.62 -6.19
CA THR A 281 0.92 -3.31 -6.80
C THR A 281 2.24 -3.10 -6.06
N GLU A 282 2.83 -1.94 -6.22
CA GLU A 282 4.11 -1.69 -5.58
C GLU A 282 4.12 -1.80 -4.05
N THR A 283 3.02 -1.45 -3.39
CA THR A 283 2.94 -1.57 -1.93
C THR A 283 3.18 -3.04 -1.55
N THR A 284 2.28 -3.90 -2.00
CA THR A 284 2.36 -5.33 -1.73
C THR A 284 3.74 -5.86 -2.12
N SER A 285 4.19 -5.51 -3.31
CA SER A 285 5.49 -5.95 -3.80
C SER A 285 6.60 -5.60 -2.83
N THR A 286 6.59 -4.36 -2.35
CA THR A 286 7.60 -3.91 -1.43
C THR A 286 7.55 -4.66 -0.12
N THR A 287 6.37 -4.80 0.47
CA THR A 287 6.28 -5.51 1.73
C THR A 287 6.73 -6.96 1.53
N LEU A 288 6.43 -7.51 0.36
CA LEU A 288 6.86 -8.86 0.05
C LEU A 288 8.38 -8.92 0.11
N ARG A 289 9.06 -8.09 -0.68
CA ARG A 289 10.53 -8.08 -0.69
C ARG A 289 11.05 -7.87 0.71
N TYR A 290 10.51 -6.86 1.37
CA TYR A 290 10.98 -6.57 2.71
C TYR A 290 10.81 -7.81 3.58
N GLY A 291 9.64 -8.47 3.46
CA GLY A 291 9.33 -9.65 4.23
C GLY A 291 10.35 -10.77 4.01
N LEU A 292 10.59 -11.11 2.74
CA LEU A 292 11.55 -12.15 2.43
C LEU A 292 12.92 -11.78 2.99
N LEU A 293 13.28 -10.50 2.87
CA LEU A 293 14.57 -10.04 3.37
C LEU A 293 14.66 -10.27 4.88
N LEU A 294 13.60 -9.92 5.61
CA LEU A 294 13.60 -10.10 7.06
C LEU A 294 13.62 -11.57 7.44
N LEU A 295 13.01 -12.40 6.61
CA LEU A 295 13.00 -13.83 6.90
C LEU A 295 14.39 -14.37 6.60
N LEU A 296 15.03 -13.82 5.58
CA LEU A 296 16.37 -14.23 5.20
C LEU A 296 17.33 -13.92 6.35
N LYS A 297 17.23 -12.70 6.89
CA LYS A 297 18.06 -12.21 7.97
C LYS A 297 17.76 -12.89 9.29
N HIS A 298 16.56 -13.46 9.39
CA HIS A 298 16.14 -14.10 10.63
C HIS A 298 15.73 -15.55 10.39
N PRO A 299 16.71 -16.44 10.24
CA PRO A 299 16.55 -17.87 10.00
C PRO A 299 15.68 -18.59 11.04
N GLU A 300 15.87 -18.24 12.32
CA GLU A 300 15.14 -18.87 13.40
C GLU A 300 13.65 -18.59 13.27
N VAL A 301 13.31 -17.43 12.70
CA VAL A 301 11.91 -17.07 12.51
C VAL A 301 11.34 -17.83 11.31
N THR A 302 12.08 -17.85 10.22
CA THR A 302 11.59 -18.56 9.06
C THR A 302 11.34 -20.03 9.41
N ALA A 303 12.19 -20.59 10.25
CA ALA A 303 12.05 -21.98 10.68
C ALA A 303 10.71 -22.26 11.39
N LYS A 304 10.39 -21.52 12.46
CA LYS A 304 9.13 -21.74 13.16
C LYS A 304 7.98 -21.60 12.16
N VAL A 305 8.09 -20.64 11.25
CA VAL A 305 7.03 -20.44 10.26
C VAL A 305 6.85 -21.69 9.42
N GLN A 306 7.95 -22.25 8.95
CA GLN A 306 7.89 -23.45 8.13
C GLN A 306 7.42 -24.67 8.94
N GLU A 307 7.64 -24.63 10.26
CA GLU A 307 7.24 -25.69 11.16
C GLU A 307 5.74 -25.57 11.35
N GLU A 308 5.27 -24.34 11.48
CA GLU A 308 3.84 -24.10 11.65
C GLU A 308 3.14 -24.52 10.36
N ILE A 309 3.75 -24.17 9.23
CA ILE A 309 3.20 -24.51 7.93
C ILE A 309 3.09 -26.03 7.80
N ASP A 310 4.17 -26.72 8.16
CA ASP A 310 4.20 -28.17 8.06
C ASP A 310 3.15 -28.83 8.97
N HIS A 311 3.00 -28.29 10.18
CA HIS A 311 2.08 -28.81 11.19
C HIS A 311 0.61 -28.55 10.90
N VAL A 312 0.31 -27.48 10.15
CA VAL A 312 -1.08 -27.15 9.87
C VAL A 312 -1.48 -27.38 8.43
N ILE A 313 -0.60 -27.03 7.50
CA ILE A 313 -0.90 -27.16 6.09
C ILE A 313 -0.38 -28.45 5.46
N GLY A 314 0.79 -28.91 5.91
CA GLY A 314 1.34 -30.15 5.35
C GLY A 314 2.12 -29.94 4.06
N ARG A 315 2.54 -31.02 3.43
CA ARG A 315 3.32 -30.88 2.21
C ARG A 315 2.56 -31.31 0.96
N HIS A 316 1.27 -31.55 1.10
CA HIS A 316 0.47 -32.00 -0.04
C HIS A 316 -0.70 -31.07 -0.36
N ARG A 317 -0.66 -29.85 0.15
CA ARG A 317 -1.75 -28.90 -0.06
C ARG A 317 -1.31 -27.46 0.10
N SER A 318 -1.59 -26.64 -0.90
CA SER A 318 -1.25 -25.23 -0.87
C SER A 318 -1.99 -24.53 0.27
N PRO A 319 -1.33 -23.58 0.95
CA PRO A 319 -2.02 -22.90 2.05
C PRO A 319 -3.24 -22.10 1.59
N CYS A 320 -4.11 -21.77 2.53
CA CYS A 320 -5.32 -21.01 2.24
C CYS A 320 -5.57 -20.12 3.45
N MET A 321 -6.45 -19.15 3.29
CA MET A 321 -6.73 -18.23 4.38
C MET A 321 -7.23 -18.86 5.66
N GLN A 322 -7.98 -19.96 5.56
CA GLN A 322 -8.51 -20.60 6.75
C GLN A 322 -7.43 -21.10 7.70
N ASP A 323 -6.24 -21.37 7.16
CA ASP A 323 -5.11 -21.85 7.97
C ASP A 323 -4.59 -20.79 8.91
N ARG A 324 -4.59 -19.53 8.46
CA ARG A 324 -4.09 -18.42 9.26
C ARG A 324 -4.65 -18.40 10.67
N SER A 325 -5.84 -18.95 10.84
CA SER A 325 -6.47 -18.97 12.15
C SER A 325 -5.70 -19.91 13.08
N HIS A 326 -5.12 -20.96 12.51
CA HIS A 326 -4.37 -21.96 13.27
C HIS A 326 -2.87 -21.79 13.16
N MET A 327 -2.43 -20.58 12.86
CA MET A 327 -1.00 -20.28 12.73
C MET A 327 -0.68 -18.93 13.35
N PRO A 328 -0.81 -18.81 14.67
CA PRO A 328 -0.53 -17.56 15.39
C PRO A 328 0.88 -16.99 15.15
N TYR A 329 1.87 -17.87 15.05
CA TYR A 329 3.23 -17.42 14.84
C TYR A 329 3.35 -16.72 13.48
N THR A 330 2.95 -17.40 12.42
CA THR A 330 3.02 -16.82 11.08
C THR A 330 2.23 -15.52 11.04
N ASP A 331 1.11 -15.48 11.74
CA ASP A 331 0.29 -14.28 11.77
C ASP A 331 1.13 -13.19 12.42
N ALA A 332 1.77 -13.49 13.54
CA ALA A 332 2.60 -12.50 14.20
C ALA A 332 3.72 -12.07 13.27
N VAL A 333 4.27 -13.01 12.51
CA VAL A 333 5.36 -12.72 11.60
C VAL A 333 4.95 -11.72 10.52
N VAL A 334 3.79 -11.93 9.91
CA VAL A 334 3.32 -11.04 8.86
C VAL A 334 3.01 -9.66 9.43
N HIS A 335 2.50 -9.62 10.65
CA HIS A 335 2.18 -8.33 11.28
C HIS A 335 3.48 -7.60 11.60
N GLU A 336 4.45 -8.32 12.15
CA GLU A 336 5.72 -7.70 12.49
C GLU A 336 6.43 -7.25 11.21
N ILE A 337 6.26 -7.99 10.12
CA ILE A 337 6.89 -7.62 8.87
C ILE A 337 6.32 -6.28 8.47
N GLN A 338 5.01 -6.13 8.51
CA GLN A 338 4.38 -4.86 8.18
C GLN A 338 4.74 -3.76 9.20
N ARG A 339 4.76 -4.11 10.48
CA ARG A 339 5.10 -3.12 11.48
C ARG A 339 6.54 -2.59 11.36
N TYR A 340 7.46 -3.44 10.90
CA TYR A 340 8.87 -3.08 10.76
C TYR A 340 9.15 -2.42 9.42
N SER A 341 8.54 -2.95 8.35
CA SER A 341 8.70 -2.41 6.99
C SER A 341 8.41 -0.92 7.03
N ASP A 342 7.29 -0.60 7.69
CA ASP A 342 6.85 0.76 7.84
C ASP A 342 6.75 1.40 6.46
N LEU A 343 6.08 0.69 5.55
CA LEU A 343 5.89 1.11 4.17
C LEU A 343 5.60 2.58 3.90
N VAL A 344 4.64 3.15 4.63
CA VAL A 344 4.26 4.55 4.44
C VAL A 344 4.36 5.24 5.79
N PRO A 345 5.58 5.62 6.20
CA PRO A 345 5.86 6.28 7.47
C PRO A 345 5.03 7.51 7.76
N THR A 346 4.81 8.35 6.76
CA THR A 346 4.06 9.58 6.99
C THR A 346 2.58 9.40 6.71
N GLY A 347 2.19 8.20 6.29
CA GLY A 347 0.81 7.98 5.95
C GLY A 347 0.57 8.76 4.67
N VAL A 348 -0.57 8.57 4.04
CA VAL A 348 -0.89 9.31 2.84
C VAL A 348 -1.55 10.60 3.31
N PRO A 349 -1.19 11.74 2.72
CA PRO A 349 -1.79 13.01 3.13
C PRO A 349 -3.31 13.08 3.12
N HIS A 350 -3.85 13.67 4.19
CA HIS A 350 -5.29 13.86 4.32
C HIS A 350 -5.61 15.36 4.24
N ALA A 351 -6.85 15.72 4.51
CA ALA A 351 -7.27 17.11 4.49
C ALA A 351 -8.58 17.17 5.22
N VAL A 352 -8.72 18.10 6.16
CA VAL A 352 -9.96 18.18 6.90
C VAL A 352 -11.05 18.75 5.98
N THR A 353 -12.22 18.13 6.05
CA THR A 353 -13.37 18.49 5.24
C THR A 353 -14.06 19.82 5.57
N THR A 354 -13.82 20.36 6.75
CA THR A 354 -14.42 21.64 7.17
C THR A 354 -13.59 22.20 8.33
N ASP A 355 -13.89 23.41 8.76
CA ASP A 355 -13.15 23.97 9.89
C ASP A 355 -13.27 22.91 10.97
N THR A 356 -12.14 22.47 11.50
CA THR A 356 -12.15 21.43 12.52
C THR A 356 -11.43 21.78 13.80
N LYS A 357 -12.12 21.55 14.90
CA LYS A 357 -11.57 21.83 16.22
C LYS A 357 -10.78 20.59 16.67
N PHE A 358 -9.56 20.80 17.13
CA PHE A 358 -8.73 19.70 17.62
C PHE A 358 -8.08 20.17 18.91
N ARG A 359 -8.58 19.65 20.03
CA ARG A 359 -8.08 20.07 21.33
C ARG A 359 -8.27 21.58 21.36
N ASN A 360 -7.23 22.33 21.67
CA ASN A 360 -7.39 23.78 21.72
C ASN A 360 -6.95 24.47 20.43
N TYR A 361 -7.10 23.77 19.31
CA TYR A 361 -6.71 24.34 18.02
C TYR A 361 -7.82 24.24 16.99
N LEU A 362 -7.78 25.15 16.04
CA LEU A 362 -8.77 25.18 14.98
C LEU A 362 -8.03 24.93 13.67
N ILE A 363 -8.49 23.95 12.93
CA ILE A 363 -7.88 23.61 11.65
C ILE A 363 -8.85 23.98 10.56
N PRO A 364 -8.49 24.99 9.78
CA PRO A 364 -9.33 25.46 8.67
C PRO A 364 -9.59 24.42 7.59
N LYS A 365 -10.84 24.35 7.16
CA LYS A 365 -11.25 23.42 6.10
C LYS A 365 -10.20 23.45 5.00
N GLY A 366 -9.95 22.28 4.40
CA GLY A 366 -8.98 22.19 3.33
C GLY A 366 -7.53 22.02 3.79
N THR A 367 -7.21 22.32 5.04
CA THR A 367 -5.84 22.17 5.52
C THR A 367 -5.34 20.73 5.33
N THR A 368 -4.08 20.57 4.96
CA THR A 368 -3.49 19.25 4.75
C THR A 368 -3.05 18.62 6.08
N ILE A 369 -3.47 17.38 6.28
CA ILE A 369 -3.16 16.61 7.49
C ILE A 369 -2.17 15.51 7.20
N MET A 370 -1.40 15.13 8.21
CA MET A 370 -0.40 14.07 8.10
C MET A 370 -0.38 13.30 9.42
N ALA A 371 -0.93 12.09 9.43
CA ALA A 371 -0.94 11.28 10.64
C ALA A 371 0.25 10.36 10.56
N LEU A 372 1.28 10.61 11.35
CA LEU A 372 2.50 9.78 11.29
C LEU A 372 2.35 8.33 11.73
N LEU A 373 1.89 7.49 10.78
CA LEU A 373 1.70 6.07 11.02
C LEU A 373 2.90 5.44 11.72
N THR A 374 4.09 5.74 11.21
CA THR A 374 5.31 5.22 11.77
C THR A 374 5.44 5.49 13.27
N SER A 375 4.92 6.64 13.73
CA SER A 375 5.04 6.98 15.15
C SER A 375 4.17 6.04 15.97
N VAL A 376 3.18 5.46 15.32
CA VAL A 376 2.28 4.53 15.97
C VAL A 376 3.00 3.19 15.95
N LEU A 377 3.26 2.71 14.74
CA LEU A 377 3.95 1.45 14.54
C LEU A 377 5.22 1.32 15.37
N HIS A 378 5.80 2.44 15.80
CA HIS A 378 7.02 2.34 16.60
C HIS A 378 6.88 2.80 18.04
N ASP A 379 5.65 2.85 18.55
CA ASP A 379 5.44 3.25 19.94
C ASP A 379 6.30 2.37 20.83
N ASP A 380 7.28 2.96 21.52
CA ASP A 380 8.20 2.20 22.35
C ASP A 380 7.60 1.57 23.61
N LYS A 381 6.33 1.85 23.88
CA LYS A 381 5.67 1.25 25.04
C LYS A 381 4.82 0.05 24.57
N GLU A 382 4.08 0.23 23.48
CA GLU A 382 3.25 -0.82 22.90
C GLU A 382 4.10 -1.93 22.27
N PHE A 383 5.29 -1.57 21.79
CA PHE A 383 6.23 -2.51 21.17
C PHE A 383 7.63 -2.27 21.70
N PRO A 384 7.97 -2.87 22.86
CA PRO A 384 9.30 -2.69 23.44
C PRO A 384 10.38 -3.01 22.42
N ASN A 385 11.40 -2.17 22.35
CA ASN A 385 12.47 -2.37 21.37
C ASN A 385 11.73 -2.36 20.07
N PRO A 386 11.13 -1.21 19.73
CA PRO A 386 10.35 -1.01 18.52
C PRO A 386 11.14 -1.07 17.24
N ASN A 387 12.47 -1.06 17.34
CA ASN A 387 13.26 -1.09 16.12
C ASN A 387 13.89 -2.41 15.73
N ILE A 388 13.61 -3.45 16.50
CA ILE A 388 14.14 -4.76 16.15
C ILE A 388 12.95 -5.53 15.60
N PHE A 389 13.19 -6.41 14.63
CA PHE A 389 12.14 -7.24 14.04
C PHE A 389 11.91 -8.41 15.00
N ASP A 390 10.72 -8.50 15.56
CA ASP A 390 10.43 -9.56 16.53
C ASP A 390 8.96 -9.95 16.53
N PRO A 391 8.65 -11.16 16.04
CA PRO A 391 7.24 -11.60 16.01
C PRO A 391 6.59 -11.53 17.39
N GLY A 392 7.41 -11.57 18.43
CA GLY A 392 6.89 -11.48 19.78
C GLY A 392 6.07 -10.23 20.00
N HIS A 393 6.25 -9.22 19.16
CA HIS A 393 5.49 -7.97 19.30
C HIS A 393 4.00 -8.20 19.12
N PHE A 394 3.66 -9.32 18.49
CA PHE A 394 2.27 -9.69 18.24
C PHE A 394 2.01 -11.09 18.78
N LEU A 395 2.65 -11.39 19.91
CA LEU A 395 2.52 -12.69 20.54
C LEU A 395 2.37 -12.56 22.04
N ASP A 396 1.43 -13.31 22.62
CA ASP A 396 1.27 -13.27 24.07
C ASP A 396 2.04 -14.43 24.69
N LYS A 397 2.17 -14.40 26.01
CA LYS A 397 2.86 -15.43 26.77
C LYS A 397 2.65 -16.87 26.30
N ASN A 398 1.43 -17.24 25.91
CA ASN A 398 1.18 -18.61 25.48
C ASN A 398 1.36 -18.86 23.98
N GLY A 399 2.03 -17.94 23.30
CA GLY A 399 2.26 -18.12 21.88
C GLY A 399 1.03 -17.81 21.04
N ASN A 400 0.05 -17.16 21.66
CA ASN A 400 -1.16 -16.78 20.96
C ASN A 400 -0.95 -15.41 20.31
N PHE A 401 -1.59 -15.22 19.16
CA PHE A 401 -1.47 -13.94 18.46
C PHE A 401 -2.07 -12.86 19.33
N LYS A 402 -1.43 -11.70 19.37
CA LYS A 402 -1.90 -10.61 20.20
C LYS A 402 -2.12 -9.38 19.35
N LYS A 403 -3.36 -9.17 18.91
CA LYS A 403 -3.66 -8.02 18.09
C LYS A 403 -3.36 -6.74 18.86
N SER A 404 -3.05 -5.69 18.11
CA SER A 404 -2.73 -4.39 18.70
C SER A 404 -3.53 -3.29 18.02
N ASP A 405 -3.87 -2.28 18.81
CA ASP A 405 -4.60 -1.12 18.31
C ASP A 405 -3.57 -0.24 17.57
N TYR A 406 -2.30 -0.38 17.96
CA TYR A 406 -1.22 0.38 17.36
C TYR A 406 -0.76 -0.22 16.04
N PHE A 407 -1.53 -1.16 15.49
CA PHE A 407 -1.15 -1.77 14.22
C PHE A 407 -1.85 -0.98 13.11
N MET A 408 -1.23 0.12 12.66
CA MET A 408 -1.82 0.99 11.64
C MET A 408 -1.10 1.12 10.28
N PRO A 409 -0.43 0.06 9.82
CA PRO A 409 0.25 0.18 8.54
C PRO A 409 -0.66 0.48 7.35
N PHE A 410 -1.95 0.25 7.50
CA PHE A 410 -2.95 0.49 6.45
C PHE A 410 -3.70 1.78 6.78
N SER A 411 -3.18 2.50 7.77
CA SER A 411 -3.77 3.73 8.30
C SER A 411 -4.96 3.38 9.21
N ALA A 412 -5.91 4.30 9.32
CA ALA A 412 -7.06 4.09 10.16
C ALA A 412 -8.20 5.03 9.85
N GLY A 413 -9.33 4.78 10.51
CA GLY A 413 -10.50 5.62 10.34
C GLY A 413 -11.16 5.41 8.99
N LYS A 414 -11.98 6.40 8.62
CA LYS A 414 -12.74 6.43 7.39
C LYS A 414 -11.99 6.15 6.10
N ARG A 415 -10.68 6.41 6.07
CA ARG A 415 -9.98 6.22 4.81
C ARG A 415 -8.96 5.08 4.79
N ILE A 416 -9.02 4.22 5.80
CA ILE A 416 -8.14 3.06 5.92
C ILE A 416 -8.08 2.29 4.60
N CYS A 417 -6.92 1.74 4.29
CA CYS A 417 -6.72 0.99 3.04
C CYS A 417 -7.97 0.25 2.57
N ALA A 418 -8.36 0.52 1.33
CA ALA A 418 -9.54 -0.09 0.74
C ALA A 418 -9.25 -1.53 0.32
N GLY A 419 -8.01 -1.96 0.50
CA GLY A 419 -7.65 -3.31 0.12
C GLY A 419 -6.91 -4.01 1.24
N GLU A 420 -7.15 -3.62 2.49
CA GLU A 420 -6.46 -4.25 3.60
C GLU A 420 -6.59 -5.77 3.54
N GLY A 421 -7.81 -6.23 3.32
CA GLY A 421 -8.08 -7.64 3.24
C GLY A 421 -7.27 -8.33 2.19
N LEU A 422 -7.25 -7.78 0.98
CA LEU A 422 -6.48 -8.38 -0.09
C LEU A 422 -5.00 -8.30 0.26
N ALA A 423 -4.58 -7.13 0.72
CA ALA A 423 -3.19 -6.95 1.09
C ALA A 423 -2.77 -8.07 2.04
N ARG A 424 -3.46 -8.17 3.18
CA ARG A 424 -3.15 -9.18 4.16
C ARG A 424 -3.24 -10.58 3.60
N MET A 425 -4.18 -10.78 2.68
CA MET A 425 -4.36 -12.07 2.04
C MET A 425 -3.16 -12.40 1.17
N GLU A 426 -2.76 -11.46 0.31
CA GLU A 426 -1.62 -11.69 -0.58
C GLU A 426 -0.36 -11.97 0.27
N LEU A 427 -0.17 -11.24 1.36
CA LEU A 427 1.01 -11.43 2.19
C LEU A 427 1.06 -12.79 2.86
N PHE A 428 -0.09 -13.27 3.35
CA PHE A 428 -0.12 -14.55 4.02
C PHE A 428 0.01 -15.71 3.04
N LEU A 429 -0.75 -15.65 1.96
CA LEU A 429 -0.67 -16.72 0.98
C LEU A 429 0.67 -16.76 0.24
N PHE A 430 1.16 -15.63 -0.23
CA PHE A 430 2.45 -15.62 -0.95
C PHE A 430 3.60 -16.08 -0.04
N LEU A 431 3.75 -15.47 1.11
CA LEU A 431 4.83 -15.85 2.00
C LEU A 431 4.81 -17.33 2.39
N THR A 432 3.67 -17.81 2.88
CA THR A 432 3.58 -19.21 3.29
C THR A 432 3.76 -20.16 2.09
N THR A 433 3.04 -19.91 1.01
CA THR A 433 3.17 -20.74 -0.17
C THR A 433 4.63 -20.85 -0.61
N ILE A 434 5.39 -19.78 -0.39
CA ILE A 434 6.81 -19.79 -0.76
C ILE A 434 7.63 -20.62 0.23
N LEU A 435 7.58 -20.24 1.51
CA LEU A 435 8.35 -20.94 2.53
C LEU A 435 8.02 -22.42 2.60
N GLN A 436 6.87 -22.80 2.04
CA GLN A 436 6.45 -24.19 2.03
C GLN A 436 7.18 -24.95 0.94
N ASN A 437 7.63 -24.23 -0.09
CA ASN A 437 8.32 -24.84 -1.22
C ASN A 437 9.81 -24.56 -1.36
N PHE A 438 10.29 -23.52 -0.67
CA PHE A 438 11.69 -23.13 -0.75
C PHE A 438 12.25 -22.78 0.61
N ASN A 439 13.58 -22.80 0.68
CA ASN A 439 14.30 -22.40 1.87
C ASN A 439 15.06 -21.18 1.37
N LEU A 440 15.29 -20.22 2.25
CA LEU A 440 15.98 -18.99 1.87
C LEU A 440 17.45 -18.99 2.22
N LYS A 441 18.29 -18.89 1.19
CA LYS A 441 19.73 -18.85 1.40
C LYS A 441 20.25 -17.49 0.95
N SER A 442 21.14 -16.91 1.75
CA SER A 442 21.74 -15.63 1.44
C SER A 442 23.02 -15.86 0.65
N VAL A 443 23.38 -14.90 -0.20
CA VAL A 443 24.59 -15.03 -0.98
C VAL A 443 25.81 -14.86 -0.10
N ASP A 444 25.78 -13.85 0.76
CA ASP A 444 26.89 -13.57 1.66
C ASP A 444 26.52 -14.00 3.08
N ASP A 445 27.39 -13.67 4.02
CA ASP A 445 27.20 -13.96 5.43
C ASP A 445 26.01 -13.12 5.94
N LEU A 446 25.14 -13.73 6.73
CA LEU A 446 23.96 -13.01 7.23
C LEU A 446 24.30 -11.72 7.96
N LYS A 447 25.37 -11.74 8.76
CA LYS A 447 25.74 -10.53 9.49
C LYS A 447 25.95 -9.34 8.55
N ASN A 448 26.42 -9.62 7.34
CA ASN A 448 26.65 -8.57 6.34
C ASN A 448 25.35 -8.05 5.73
N LEU A 449 24.26 -8.76 5.98
CA LEU A 449 22.95 -8.40 5.44
C LEU A 449 22.30 -7.21 6.17
N ASN A 450 22.12 -6.11 5.45
CA ASN A 450 21.51 -4.91 6.03
C ASN A 450 19.99 -4.90 5.84
N THR A 451 19.24 -4.49 6.85
CA THR A 451 17.79 -4.44 6.71
C THR A 451 17.23 -3.05 6.97
N THR A 452 18.14 -2.07 7.04
CA THR A 452 17.73 -0.69 7.27
C THR A 452 17.08 -0.19 6.01
N ALA A 453 15.91 0.41 6.15
CA ALA A 453 15.16 0.92 5.02
C ALA A 453 15.75 2.19 4.44
N VAL A 454 15.56 2.36 3.13
CA VAL A 454 15.99 3.59 2.47
C VAL A 454 14.65 4.33 2.42
N THR A 455 14.46 5.17 3.42
CA THR A 455 13.22 5.91 3.54
C THR A 455 13.24 7.22 2.78
N LYS A 456 13.43 7.13 1.48
CA LYS A 456 13.40 8.34 0.67
C LYS A 456 12.06 8.38 -0.02
N GLY A 457 11.37 9.51 0.11
CA GLY A 457 10.08 9.64 -0.53
C GLY A 457 8.98 9.03 0.30
N ILE A 458 7.76 9.16 -0.21
CA ILE A 458 6.55 8.68 0.44
C ILE A 458 6.49 7.17 0.81
N VAL A 459 7.13 6.30 0.04
CA VAL A 459 7.13 4.87 0.32
C VAL A 459 8.53 4.37 0.63
N SER A 460 8.72 3.80 1.82
CA SER A 460 10.03 3.26 2.22
C SER A 460 10.29 1.97 1.45
N LEU A 461 11.56 1.70 1.18
CA LEU A 461 11.92 0.50 0.47
C LEU A 461 12.97 -0.29 1.21
N PRO A 462 12.93 -1.61 1.09
CA PRO A 462 13.95 -2.38 1.80
C PRO A 462 15.20 -2.19 0.98
N PRO A 463 16.38 -2.33 1.61
CA PRO A 463 17.63 -2.17 0.87
C PRO A 463 17.69 -3.24 -0.20
N SER A 464 18.57 -3.08 -1.18
CA SER A 464 18.68 -4.07 -2.23
C SER A 464 19.33 -5.34 -1.64
N TYR A 465 19.10 -6.50 -2.26
CA TYR A 465 19.69 -7.74 -1.77
C TYR A 465 19.48 -8.87 -2.77
N GLN A 466 20.25 -9.94 -2.62
CA GLN A 466 20.11 -11.09 -3.49
C GLN A 466 19.69 -12.28 -2.64
N ILE A 467 18.98 -13.21 -3.25
CA ILE A 467 18.53 -14.36 -2.49
C ILE A 467 18.47 -15.63 -3.36
N CYS A 468 18.67 -16.77 -2.74
CA CYS A 468 18.63 -18.05 -3.44
C CYS A 468 17.43 -18.83 -2.92
N PHE A 469 16.52 -19.20 -3.81
CA PHE A 469 15.36 -19.97 -3.41
C PHE A 469 15.69 -21.45 -3.59
N ILE A 470 16.03 -22.13 -2.50
CA ILE A 470 16.36 -23.53 -2.61
C ILE A 470 15.14 -24.41 -2.37
N PRO A 471 14.68 -25.13 -3.41
CA PRO A 471 13.51 -26.00 -3.24
C PRO A 471 13.75 -26.99 -2.12
N VAL A 472 12.71 -27.21 -1.31
CA VAL A 472 12.80 -28.11 -0.16
C VAL A 472 12.61 -29.60 -0.48
N HIS A 473 13.21 -30.43 0.37
CA HIS A 473 13.12 -31.89 0.23
C HIS A 473 12.66 -32.50 1.56
#